data_6U0O
#
_entry.id   6U0O
#
_cell.length_a   156.669
_cell.length_b   54.758
_cell.length_c   96.418
_cell.angle_alpha   90.000
_cell.angle_beta   107.180
_cell.angle_gamma   90.000
#
_symmetry.space_group_name_H-M   'C 1 2 1'
#
loop_
_entity.id
_entity.type
_entity.pdbx_description
1 polymer 'Lysostaphin resistance protein A'
2 polymer 'LYZ2 domain-containing protein'
3 polymer 'FLAG peptide'
4 non-polymer 'CITRATE ANION'
5 non-polymer 'TETRAETHYLENE GLYCOL'
6 non-polymer '(2R)-2,3-dihydroxypropyl (9Z)-octadec-9-enoate'
7 non-polymer 'SULFATE ION'
8 non-polymer 2-(2-ETHOXYETHOXY)ETHANOL
9 water water
#
loop_
_entity_poly.entity_id
_entity_poly.type
_entity_poly.pdbx_seq_one_letter_code
_entity_poly.pdbx_strand_id
1 'polypeptide(L)'
;DYKDDDDLEVLFQGPGGSSTEYMKNNKISGFQWAMTIFVFFVITMALSIMLRDFQSIIGVKHFIFEVTDLAPLIAAIICI
LVFKYKKVQLAGLKFSISLKVIERLLLALILPLIILIIGMYSFNTFADSFILLQSTGLSVPITHILIGHILMAFVVEFGF
RSYLQNIVETKMNTFFASIVVGLMYSVFSANTTYGTEFAAYNFLYTFSFSMILGELIRATKGRTIYIATTFHASMTFGLI
FLFSEEIGDLFSIKVIAISTAIVAVGYIGLSLIIRGIA
;
A
2 'polypeptide(L)'
;MNKHKKGSIFGIIGLVVIFAVVSFLFFSMISDQIFFKHVKSDIKIEKLNVTLNDAAKKQINNYTSQQVSNKKNDAWRDAS
ATEIKSAMDSGTFIDNEKQKYQFLDLSKYQGIDKNRIKRMLVDRPTLLKHTDDFLKAAKDKHVNEVYLISHALLETGAVK
SELANGVEIDGKKYYNFYGVGALDKDPIKTGAEYAKKHGWDTPEKAISGGADFIHKHFLSSTDQNTLYSMRWNPKNPGEH
QYATDIKWAESNATIIADFYKNMKTEGKYFKYFVYKDDSKHLNKKLAAALEHHHHHH
;
B
3 'polypeptide(L)' DYKDDDDK D
#
loop_
_chem_comp.id
_chem_comp.type
_chem_comp.name
_chem_comp.formula
AE3 non-polymer 2-(2-ETHOXYETHOXY)ETHANOL 'C6 H14 O3'
FLC non-polymer 'CITRATE ANION' 'C6 H5 O7 -3'
OLC non-polymer '(2R)-2,3-dihydroxypropyl (9Z)-octadec-9-enoate' 'C21 H40 O4'
PG4 non-polymer 'TETRAETHYLENE GLYCOL' 'C8 H18 O5'
SO4 non-polymer 'SULFATE ION' 'O4 S -2'
#
# COMPACT_ATOMS: atom_id res chain seq x y z
N ILE A 28 -48.82 -4.84 -15.66
CA ILE A 28 -48.77 -3.47 -16.17
C ILE A 28 -49.78 -2.60 -15.44
N SER A 29 -50.54 -3.23 -14.53
CA SER A 29 -51.51 -2.50 -13.75
C SER A 29 -50.84 -1.47 -12.87
N GLY A 30 -51.49 -0.31 -12.73
CA GLY A 30 -50.93 0.74 -11.89
C GLY A 30 -50.82 0.35 -10.43
N PHE A 31 -51.79 -0.44 -9.95
CA PHE A 31 -51.75 -0.90 -8.57
C PHE A 31 -50.64 -1.93 -8.37
N GLN A 32 -50.55 -2.90 -9.27
CA GLN A 32 -49.51 -3.93 -9.15
C GLN A 32 -48.12 -3.33 -9.28
N TRP A 33 -47.98 -2.24 -10.04
CA TRP A 33 -46.68 -1.59 -10.18
C TRP A 33 -46.25 -0.94 -8.87
N ALA A 34 -47.14 -0.16 -8.25
CA ALA A 34 -46.79 0.52 -7.01
C ALA A 34 -46.56 -0.46 -5.88
N MET A 35 -47.39 -1.51 -5.78
CA MET A 35 -47.20 -2.49 -4.71
C MET A 35 -45.92 -3.28 -4.92
N THR A 36 -45.62 -3.66 -6.16
CA THR A 36 -44.35 -4.34 -6.43
C THR A 36 -43.17 -3.49 -6.00
N ILE A 37 -43.24 -2.18 -6.25
CA ILE A 37 -42.20 -1.26 -5.77
C ILE A 37 -42.19 -1.22 -4.25
N PHE A 38 -43.38 -1.13 -3.64
CA PHE A 38 -43.45 -1.04 -2.19
C PHE A 38 -43.06 -2.35 -1.52
N VAL A 39 -43.62 -3.47 -2.00
CA VAL A 39 -43.37 -4.77 -1.37
C VAL A 39 -41.88 -5.09 -1.42
N PHE A 40 -41.27 -4.97 -2.60
CA PHE A 40 -39.85 -5.28 -2.75
C PHE A 40 -38.99 -4.44 -1.83
N PHE A 41 -39.33 -3.16 -1.68
CA PHE A 41 -38.48 -2.25 -0.90
C PHE A 41 -38.56 -2.56 0.59
N VAL A 42 -39.77 -2.76 1.12
CA VAL A 42 -39.92 -2.93 2.56
C VAL A 42 -39.34 -4.27 3.00
N ILE A 43 -39.46 -5.30 2.18
CA ILE A 43 -38.95 -6.61 2.58
C ILE A 43 -37.44 -6.67 2.39
N THR A 44 -36.89 -5.91 1.43
CA THR A 44 -35.44 -5.80 1.33
C THR A 44 -34.86 -5.12 2.56
N MET A 45 -35.45 -3.99 2.96
CA MET A 45 -34.96 -3.28 4.14
C MET A 45 -35.23 -4.06 5.41
N ALA A 46 -36.34 -4.81 5.47
CA ALA A 46 -36.63 -5.61 6.65
C ALA A 46 -35.63 -6.75 6.80
N LEU A 47 -35.35 -7.47 5.72
CA LEU A 47 -34.40 -8.57 5.79
C LEU A 47 -32.98 -8.06 5.98
N SER A 48 -32.66 -6.86 5.50
CA SER A 48 -31.32 -6.31 5.72
C SER A 48 -31.04 -6.14 7.21
N ILE A 49 -32.07 -5.92 8.02
CA ILE A 49 -31.89 -5.84 9.46
C ILE A 49 -32.11 -7.19 10.13
N MET A 50 -33.01 -8.02 9.60
CA MET A 50 -33.24 -9.33 10.19
C MET A 50 -32.08 -10.28 9.93
N LEU A 51 -31.36 -10.11 8.81
CA LEU A 51 -30.19 -10.90 8.53
C LEU A 51 -28.92 -10.38 9.21
N ARG A 52 -29.03 -9.29 9.98
CA ARG A 52 -27.86 -8.72 10.64
C ARG A 52 -27.32 -9.64 11.72
N ASP A 53 -28.21 -10.13 12.58
CA ASP A 53 -27.80 -11.08 13.62
C ASP A 53 -27.39 -12.43 13.03
N PHE A 54 -28.03 -12.82 11.93
CA PHE A 54 -27.78 -14.09 11.27
C PHE A 54 -26.51 -14.03 10.43
N GLN A 55 -25.38 -13.73 11.08
CA GLN A 55 -24.12 -13.63 10.35
C GLN A 55 -23.29 -14.92 10.38
N SER A 56 -23.57 -15.85 11.29
CA SER A 56 -22.80 -17.09 11.34
C SER A 56 -23.70 -18.28 11.07
N ILE A 57 -24.40 -18.23 9.95
CA ILE A 57 -25.34 -19.29 9.56
C ILE A 57 -25.02 -19.75 8.14
N ILE A 58 -23.97 -19.21 7.57
CA ILE A 58 -23.53 -19.60 6.22
C ILE A 58 -22.16 -20.26 6.24
N GLY A 59 -21.38 -20.09 7.31
CA GLY A 59 -20.06 -20.67 7.36
C GLY A 59 -19.01 -19.80 6.70
N VAL A 60 -19.19 -18.48 6.77
CA VAL A 60 -18.32 -17.51 6.12
C VAL A 60 -18.23 -16.28 7.04
N LYS A 61 -17.27 -15.36 6.79
CA LYS A 61 -17.15 -14.10 7.50
C LYS A 61 -17.55 -12.94 6.58
N HIS A 62 -17.89 -11.77 7.19
CA HIS A 62 -18.35 -10.62 6.42
C HIS A 62 -17.37 -10.24 5.31
N PHE A 63 -16.08 -10.50 5.52
CA PHE A 63 -15.08 -10.08 4.55
C PHE A 63 -15.30 -10.75 3.20
N ILE A 64 -15.77 -12.00 3.21
CA ILE A 64 -16.00 -12.75 1.98
C ILE A 64 -17.42 -12.49 1.47
N PHE A 65 -18.42 -12.78 2.29
CA PHE A 65 -19.82 -12.63 1.88
C PHE A 65 -20.63 -12.03 3.02
N GLU A 66 -21.25 -10.88 2.75
CA GLU A 66 -22.20 -10.29 3.69
C GLU A 66 -23.56 -10.95 3.50
N VAL A 67 -24.05 -11.61 4.56
CA VAL A 67 -25.34 -12.29 4.49
C VAL A 67 -26.48 -11.32 4.26
N THR A 68 -26.31 -10.05 4.66
CA THR A 68 -27.37 -9.06 4.46
C THR A 68 -27.63 -8.80 2.98
N ASP A 69 -26.71 -9.17 2.10
CA ASP A 69 -26.91 -8.97 0.67
C ASP A 69 -27.92 -9.94 0.06
N LEU A 70 -28.36 -10.95 0.82
CA LEU A 70 -29.43 -11.82 0.35
C LEU A 70 -30.80 -11.19 0.48
N ALA A 71 -30.90 -10.00 1.08
CA ALA A 71 -32.20 -9.35 1.25
C ALA A 71 -32.86 -9.01 -0.07
N PRO A 72 -32.20 -8.37 -1.04
CA PRO A 72 -32.88 -8.12 -2.33
C PRO A 72 -33.11 -9.38 -3.13
N LEU A 73 -32.33 -10.44 -2.92
CA LEU A 73 -32.56 -11.69 -3.63
C LEU A 73 -33.86 -12.36 -3.18
N ILE A 74 -34.02 -12.52 -1.86
CA ILE A 74 -35.25 -13.09 -1.32
C ILE A 74 -36.43 -12.19 -1.64
N ALA A 75 -36.21 -10.87 -1.63
CA ALA A 75 -37.28 -9.93 -1.95
C ALA A 75 -37.82 -10.15 -3.35
N ALA A 76 -36.92 -10.36 -4.32
CA ALA A 76 -37.36 -10.56 -5.70
C ALA A 76 -38.10 -11.89 -5.86
N ILE A 77 -37.59 -12.95 -5.24
CA ILE A 77 -38.22 -14.26 -5.36
C ILE A 77 -39.63 -14.22 -4.79
N ILE A 78 -39.82 -13.54 -3.65
CA ILE A 78 -41.14 -13.46 -3.04
C ILE A 78 -42.06 -12.59 -3.87
N CYS A 79 -41.55 -11.48 -4.42
CA CYS A 79 -42.36 -10.63 -5.27
C CYS A 79 -42.76 -11.36 -6.55
N ILE A 80 -41.86 -12.15 -7.12
CA ILE A 80 -42.16 -12.88 -8.34
C ILE A 80 -43.32 -13.84 -8.13
N LEU A 81 -43.44 -14.42 -6.92
CA LEU A 81 -44.48 -15.40 -6.64
C LEU A 81 -45.80 -14.75 -6.25
N VAL A 82 -45.77 -13.74 -5.38
CA VAL A 82 -47.02 -13.16 -4.88
C VAL A 82 -47.74 -12.33 -5.94
N PHE A 83 -47.04 -11.91 -6.99
CA PHE A 83 -47.62 -11.08 -8.03
C PHE A 83 -47.92 -11.90 -9.28
N LYS A 84 -48.77 -11.34 -10.15
CA LYS A 84 -49.17 -12.01 -11.37
C LYS A 84 -48.26 -11.62 -12.52
N TYR A 85 -48.61 -12.10 -13.72
CA TYR A 85 -47.87 -11.83 -14.96
C TYR A 85 -46.40 -12.26 -14.80
N LYS A 86 -46.22 -13.57 -14.65
CA LYS A 86 -44.87 -14.13 -14.50
C LYS A 86 -44.00 -13.80 -15.70
N LYS A 87 -44.59 -13.60 -16.87
CA LYS A 87 -43.82 -13.21 -18.04
C LYS A 87 -43.13 -11.87 -17.83
N VAL A 88 -43.84 -10.90 -17.24
CA VAL A 88 -43.24 -9.61 -16.97
C VAL A 88 -42.36 -9.67 -15.72
N GLN A 89 -42.68 -10.56 -14.78
CA GLN A 89 -41.87 -10.69 -13.57
C GLN A 89 -40.46 -11.16 -13.91
N LEU A 90 -40.32 -12.05 -14.89
CA LEU A 90 -39.04 -12.64 -15.26
C LEU A 90 -38.52 -12.08 -16.58
N ALA A 91 -38.86 -10.82 -16.90
CA ALA A 91 -38.47 -10.24 -18.17
C ALA A 91 -36.96 -10.04 -18.25
N GLY A 92 -36.40 -9.28 -17.31
CA GLY A 92 -34.98 -8.99 -17.23
C GLY A 92 -34.12 -10.09 -16.68
N LEU A 93 -34.68 -11.26 -16.42
CA LEU A 93 -33.92 -12.46 -16.11
C LEU A 93 -33.77 -13.25 -17.43
N LYS A 94 -32.88 -12.78 -18.32
CA LYS A 94 -32.53 -13.56 -19.50
C LYS A 94 -31.09 -14.06 -19.29
N PHE A 95 -31.01 -15.38 -19.06
CA PHE A 95 -29.81 -16.15 -18.75
C PHE A 95 -29.02 -16.52 -19.98
N SER A 96 -29.45 -16.07 -21.16
CA SER A 96 -28.91 -16.53 -22.43
C SER A 96 -27.78 -15.61 -22.88
N ILE A 97 -26.72 -16.23 -23.41
CA ILE A 97 -25.61 -15.49 -23.97
C ILE A 97 -26.05 -14.89 -25.31
N SER A 98 -25.75 -13.60 -25.50
CA SER A 98 -26.08 -12.88 -26.71
C SER A 98 -24.94 -11.95 -27.06
N LEU A 99 -24.92 -11.56 -28.34
CA LEU A 99 -23.81 -10.74 -28.81
C LEU A 99 -23.88 -9.35 -28.22
N LYS A 100 -25.08 -8.86 -27.89
CA LYS A 100 -25.22 -7.56 -27.24
C LYS A 100 -24.69 -7.59 -25.81
N VAL A 101 -24.94 -8.68 -25.06
CA VAL A 101 -24.46 -8.73 -23.68
C VAL A 101 -22.95 -8.95 -23.66
N ILE A 102 -22.41 -9.75 -24.59
CA ILE A 102 -20.95 -9.87 -24.70
C ILE A 102 -20.32 -8.50 -24.90
N GLU A 103 -20.93 -7.68 -25.75
CA GLU A 103 -20.48 -6.30 -25.92
C GLU A 103 -20.64 -5.52 -24.63
N ARG A 104 -21.77 -5.72 -23.93
CA ARG A 104 -22.00 -5.03 -22.67
C ARG A 104 -21.09 -5.58 -21.56
N LEU A 105 -20.65 -6.84 -21.68
CA LEU A 105 -19.79 -7.41 -20.65
C LEU A 105 -18.44 -6.70 -20.59
N LEU A 106 -17.83 -6.46 -21.75
CA LEU A 106 -16.56 -5.75 -21.77
C LEU A 106 -16.71 -4.27 -21.42
N LEU A 107 -17.90 -3.70 -21.63
CA LEU A 107 -18.19 -2.38 -21.07
C LEU A 107 -18.26 -2.45 -19.55
N ALA A 108 -18.81 -3.54 -19.02
CA ALA A 108 -18.85 -3.76 -17.58
C ALA A 108 -17.47 -4.00 -16.98
N LEU A 109 -16.43 -4.08 -17.80
CA LEU A 109 -15.06 -4.19 -17.34
C LEU A 109 -14.28 -2.89 -17.51
N ILE A 110 -14.55 -2.15 -18.58
CA ILE A 110 -13.88 -0.87 -18.81
C ILE A 110 -14.24 0.13 -17.72
N LEU A 111 -15.54 0.30 -17.48
CA LEU A 111 -16.00 1.35 -16.58
C LEU A 111 -15.50 1.17 -15.15
N PRO A 112 -15.40 -0.04 -14.59
CA PRO A 112 -14.69 -0.17 -13.31
C PRO A 112 -13.21 0.15 -13.44
N LEU A 113 -12.56 -0.31 -14.52
CA LEU A 113 -11.13 -0.08 -14.68
C LEU A 113 -10.80 1.40 -14.79
N ILE A 114 -11.63 2.17 -15.50
CA ILE A 114 -11.33 3.60 -15.64
C ILE A 114 -11.53 4.33 -14.32
N ILE A 115 -12.48 3.89 -13.49
CA ILE A 115 -12.69 4.54 -12.21
C ILE A 115 -11.56 4.20 -11.24
N LEU A 116 -11.07 2.96 -11.28
CA LEU A 116 -9.92 2.60 -10.46
C LEU A 116 -8.67 3.37 -10.90
N ILE A 117 -8.55 3.68 -12.20
CA ILE A 117 -7.44 4.48 -12.69
C ILE A 117 -7.50 5.88 -12.10
N ILE A 118 -8.67 6.52 -12.17
CA ILE A 118 -8.82 7.88 -11.64
C ILE A 118 -8.60 7.88 -10.13
N GLY A 119 -8.98 6.80 -9.45
CA GLY A 119 -8.73 6.73 -8.01
C GLY A 119 -7.24 6.62 -7.69
N MET A 120 -6.51 5.87 -8.51
CA MET A 120 -5.06 5.71 -8.27
C MET A 120 -4.34 7.04 -8.44
N TYR A 121 -4.62 7.77 -9.51
CA TYR A 121 -3.98 9.06 -9.73
C TYR A 121 -4.29 10.03 -8.60
N SER A 122 -5.54 10.02 -8.12
CA SER A 122 -5.91 10.90 -7.02
C SER A 122 -5.19 10.53 -5.74
N PHE A 123 -4.96 9.24 -5.50
CA PHE A 123 -4.26 8.81 -4.30
C PHE A 123 -2.75 9.04 -4.40
N ASN A 124 -2.17 8.91 -5.59
CA ASN A 124 -0.75 9.19 -5.74
C ASN A 124 -0.48 10.69 -5.69
N THR A 125 -1.37 11.49 -6.27
CA THR A 125 -1.13 12.92 -6.39
C THR A 125 -1.48 13.67 -5.10
N PHE A 126 -2.67 13.43 -4.57
CA PHE A 126 -3.18 14.21 -3.45
C PHE A 126 -3.13 13.48 -2.11
N ALA A 127 -2.80 12.19 -2.11
CA ALA A 127 -2.80 11.42 -0.86
C ALA A 127 -1.48 10.68 -0.66
N ASP A 128 -1.56 9.47 -0.09
CA ASP A 128 -0.37 8.69 0.22
C ASP A 128 -0.38 7.36 -0.50
N SER A 129 -0.64 7.39 -1.81
CA SER A 129 -0.61 6.22 -2.69
C SER A 129 -1.61 5.17 -2.19
N PHE A 130 -1.34 3.90 -2.47
CA PHE A 130 -2.24 2.80 -2.17
C PHE A 130 -1.43 1.53 -2.09
N ILE A 131 -2.01 0.51 -1.46
CA ILE A 131 -1.35 -0.77 -1.26
C ILE A 131 -2.24 -1.88 -1.78
N LEU A 132 -1.66 -2.80 -2.54
CA LEU A 132 -2.41 -3.94 -3.05
C LEU A 132 -2.78 -4.89 -1.93
N LEU A 133 -3.82 -5.70 -2.17
CA LEU A 133 -4.33 -6.60 -1.15
C LEU A 133 -3.36 -7.71 -0.82
N GLN A 134 -2.57 -8.16 -1.81
CA GLN A 134 -1.70 -9.32 -1.61
C GLN A 134 -0.57 -9.02 -0.63
N SER A 135 -0.17 -7.76 -0.49
CA SER A 135 0.97 -7.40 0.35
C SER A 135 0.54 -6.88 1.72
N THR A 136 -0.67 -7.21 2.16
CA THR A 136 -1.18 -6.74 3.44
C THR A 136 -1.21 -7.83 4.51
N GLY A 137 -0.69 -9.02 4.23
CA GLY A 137 -0.72 -10.09 5.21
C GLY A 137 -2.12 -10.63 5.42
N LEU A 138 -2.68 -11.27 4.40
CA LEU A 138 -4.03 -11.78 4.46
C LEU A 138 -4.10 -13.14 5.12
N SER A 139 -5.11 -13.31 5.97
CA SER A 139 -5.41 -14.62 6.56
C SER A 139 -6.43 -15.41 5.76
N VAL A 140 -6.92 -14.85 4.65
CA VAL A 140 -7.88 -15.53 3.78
C VAL A 140 -7.32 -15.53 2.36
N PRO A 141 -7.39 -16.65 1.63
CA PRO A 141 -6.90 -16.65 0.25
C PRO A 141 -7.64 -15.63 -0.61
N ILE A 142 -6.93 -15.12 -1.63
CA ILE A 142 -7.51 -14.10 -2.49
C ILE A 142 -8.64 -14.68 -3.33
N THR A 143 -8.57 -15.97 -3.67
CA THR A 143 -9.66 -16.59 -4.44
C THR A 143 -10.94 -16.64 -3.63
N HIS A 144 -10.83 -16.90 -2.33
CA HIS A 144 -12.01 -16.87 -1.46
C HIS A 144 -12.67 -15.50 -1.49
N ILE A 145 -11.87 -14.44 -1.55
CA ILE A 145 -12.43 -13.08 -1.59
C ILE A 145 -13.06 -12.80 -2.94
N LEU A 146 -12.38 -13.18 -4.03
CA LEU A 146 -12.92 -12.93 -5.36
C LEU A 146 -14.22 -13.70 -5.59
N ILE A 147 -14.25 -14.97 -5.17
CA ILE A 147 -15.48 -15.75 -5.29
C ILE A 147 -16.59 -15.15 -4.44
N GLY A 148 -16.24 -14.62 -3.27
CA GLY A 148 -17.24 -14.02 -2.42
C GLY A 148 -17.82 -12.74 -2.98
N HIS A 149 -16.98 -11.90 -3.60
CA HIS A 149 -17.47 -10.67 -4.18
C HIS A 149 -18.33 -10.91 -5.41
N ILE A 150 -18.09 -12.02 -6.11
CA ILE A 150 -18.93 -12.37 -7.26
C ILE A 150 -20.32 -12.78 -6.80
N LEU A 151 -20.40 -13.61 -5.76
CA LEU A 151 -21.69 -14.04 -5.24
C LEU A 151 -22.44 -12.89 -4.59
N MET A 152 -21.73 -11.97 -3.93
CA MET A 152 -22.38 -10.76 -3.44
C MET A 152 -22.90 -9.91 -4.60
N ALA A 153 -22.16 -9.85 -5.69
CA ALA A 153 -22.62 -9.13 -6.87
C ALA A 153 -23.81 -9.82 -7.51
N PHE A 154 -23.83 -11.15 -7.49
CA PHE A 154 -24.89 -11.89 -8.17
C PHE A 154 -26.23 -11.68 -7.48
N VAL A 155 -26.29 -11.85 -6.15
CA VAL A 155 -27.56 -11.82 -5.44
C VAL A 155 -28.11 -10.40 -5.39
N VAL A 156 -27.25 -9.38 -5.31
CA VAL A 156 -27.75 -8.02 -5.21
C VAL A 156 -28.26 -7.54 -6.56
N GLU A 157 -27.53 -7.82 -7.63
CA GLU A 157 -27.95 -7.41 -8.97
C GLU A 157 -29.10 -8.26 -9.50
N PHE A 158 -29.25 -9.49 -9.01
CA PHE A 158 -30.39 -10.33 -9.41
C PHE A 158 -31.71 -9.69 -9.01
N GLY A 159 -31.75 -8.99 -7.89
CA GLY A 159 -32.99 -8.41 -7.39
C GLY A 159 -33.13 -6.93 -7.66
N PHE A 160 -32.01 -6.22 -7.80
CA PHE A 160 -32.06 -4.77 -7.98
C PHE A 160 -32.10 -4.37 -9.46
N ARG A 161 -31.40 -5.09 -10.32
CA ARG A 161 -31.31 -4.74 -11.74
C ARG A 161 -31.99 -5.73 -12.65
N SER A 162 -31.92 -7.03 -12.35
CA SER A 162 -32.57 -8.02 -13.21
C SER A 162 -34.07 -8.09 -12.97
N TYR A 163 -34.52 -7.76 -11.76
CA TYR A 163 -35.94 -7.75 -11.44
C TYR A 163 -36.48 -6.34 -11.26
N LEU A 164 -35.98 -5.61 -10.26
CA LEU A 164 -36.57 -4.31 -9.92
C LEU A 164 -36.46 -3.32 -11.07
N GLN A 165 -35.34 -3.33 -11.79
CA GLN A 165 -35.11 -2.34 -12.83
C GLN A 165 -36.17 -2.44 -13.93
N ASN A 166 -36.33 -3.63 -14.51
CA ASN A 166 -37.30 -3.78 -15.60
C ASN A 166 -38.74 -3.66 -15.12
N ILE A 167 -38.99 -3.80 -13.82
CA ILE A 167 -40.32 -3.53 -13.29
C ILE A 167 -40.61 -2.04 -13.35
N VAL A 168 -39.68 -1.22 -12.87
CA VAL A 168 -39.82 0.23 -12.97
C VAL A 168 -39.80 0.66 -14.43
N GLU A 169 -39.04 -0.04 -15.27
CA GLU A 169 -38.94 0.30 -16.68
C GLU A 169 -40.22 0.06 -17.45
N THR A 170 -41.23 -0.57 -16.83
CA THR A 170 -42.52 -0.74 -17.48
C THR A 170 -43.36 0.53 -17.47
N LYS A 171 -43.00 1.52 -16.66
CA LYS A 171 -43.76 2.75 -16.55
C LYS A 171 -42.93 4.01 -16.76
N MET A 172 -41.63 3.89 -17.00
CA MET A 172 -40.78 5.03 -17.29
C MET A 172 -39.56 4.54 -18.05
N ASN A 173 -38.82 5.48 -18.63
CA ASN A 173 -37.68 5.12 -19.46
C ASN A 173 -36.47 4.78 -18.58
N THR A 174 -35.38 4.38 -19.25
CA THR A 174 -34.21 3.87 -18.52
C THR A 174 -33.62 4.92 -17.59
N PHE A 175 -33.72 6.20 -17.95
CA PHE A 175 -33.11 7.26 -17.14
C PHE A 175 -33.80 7.38 -15.78
N PHE A 176 -35.11 7.61 -15.79
CA PHE A 176 -35.85 7.76 -14.54
C PHE A 176 -35.93 6.45 -13.77
N ALA A 177 -35.95 5.32 -14.48
CA ALA A 177 -35.90 4.03 -13.80
C ALA A 177 -34.58 3.83 -13.07
N SER A 178 -33.49 4.34 -13.66
CA SER A 178 -32.19 4.27 -13.00
C SER A 178 -32.14 5.19 -11.79
N ILE A 179 -32.88 6.30 -11.83
CA ILE A 179 -32.91 7.20 -10.68
C ILE A 179 -33.67 6.57 -9.52
N VAL A 180 -34.75 5.84 -9.82
CA VAL A 180 -35.55 5.22 -8.77
C VAL A 180 -34.79 4.06 -8.13
N VAL A 181 -34.21 3.19 -8.95
CA VAL A 181 -33.40 2.10 -8.41
C VAL A 181 -32.15 2.63 -7.73
N GLY A 182 -31.69 3.82 -8.14
CA GLY A 182 -30.52 4.40 -7.50
C GLY A 182 -30.80 4.87 -6.09
N LEU A 183 -32.00 5.43 -5.87
CA LEU A 183 -32.36 5.87 -4.53
C LEU A 183 -32.56 4.68 -3.59
N MET A 184 -33.15 3.60 -4.09
CA MET A 184 -33.42 2.44 -3.26
C MET A 184 -32.15 1.63 -2.99
N TYR A 185 -31.25 1.56 -3.99
CA TYR A 185 -29.99 0.87 -3.76
C TYR A 185 -29.09 1.66 -2.80
N SER A 186 -29.16 2.99 -2.87
CA SER A 186 -28.34 3.81 -1.97
C SER A 186 -28.82 3.70 -0.53
N VAL A 187 -30.13 3.58 -0.32
CA VAL A 187 -30.64 3.36 1.03
C VAL A 187 -30.23 1.98 1.52
N PHE A 188 -30.33 0.96 0.66
CA PHE A 188 -29.87 -0.37 1.00
C PHE A 188 -28.37 -0.38 1.29
N SER A 189 -27.59 0.30 0.44
CA SER A 189 -26.15 0.41 0.61
C SER A 189 -25.75 1.64 1.41
N ALA A 190 -26.63 2.16 2.26
CA ALA A 190 -26.29 3.30 3.08
C ALA A 190 -25.25 2.90 4.12
N ASN A 191 -24.32 3.79 4.39
CA ASN A 191 -23.24 3.53 5.35
C ASN A 191 -23.05 4.78 6.21
N THR A 192 -23.66 4.77 7.40
CA THR A 192 -23.51 5.84 8.38
C THR A 192 -22.49 5.49 9.46
N THR A 193 -21.56 4.59 9.16
CA THR A 193 -20.58 4.17 10.16
C THR A 193 -19.57 5.28 10.46
N TYR A 194 -19.15 6.02 9.44
CA TYR A 194 -18.08 7.00 9.57
C TYR A 194 -18.59 8.43 9.56
N GLY A 195 -19.82 8.65 9.98
CA GLY A 195 -20.40 9.98 10.06
C GLY A 195 -21.36 10.27 8.91
N THR A 196 -22.06 11.39 9.06
CA THR A 196 -23.06 11.79 8.07
C THR A 196 -22.41 12.35 6.81
N GLU A 197 -21.26 13.01 6.93
CA GLU A 197 -20.56 13.53 5.75
C GLU A 197 -20.03 12.39 4.89
N PHE A 198 -19.52 11.33 5.52
CA PHE A 198 -19.08 10.15 4.78
C PHE A 198 -20.26 9.48 4.09
N ALA A 199 -21.41 9.41 4.76
CA ALA A 199 -22.59 8.79 4.17
C ALA A 199 -23.12 9.58 2.98
N ALA A 200 -22.90 10.90 2.98
CA ALA A 200 -23.35 11.71 1.85
C ALA A 200 -22.58 11.35 0.58
N TYR A 201 -21.26 11.23 0.69
CA TYR A 201 -20.45 10.87 -0.48
C TYR A 201 -20.59 9.39 -0.84
N ASN A 202 -20.80 8.52 0.16
CA ASN A 202 -21.09 7.13 -0.16
C ASN A 202 -22.45 7.00 -0.84
N PHE A 203 -23.40 7.89 -0.50
CA PHE A 203 -24.67 7.93 -1.20
C PHE A 203 -24.48 8.33 -2.65
N LEU A 204 -23.64 9.34 -2.89
CA LEU A 204 -23.34 9.77 -4.27
C LEU A 204 -22.67 8.66 -5.06
N TYR A 205 -21.86 7.84 -4.40
CA TYR A 205 -21.16 6.76 -5.10
C TYR A 205 -22.12 5.64 -5.48
N THR A 206 -22.99 5.23 -4.57
CA THR A 206 -23.94 4.15 -4.87
C THR A 206 -25.02 4.59 -5.84
N PHE A 207 -25.37 5.88 -5.83
CA PHE A 207 -26.35 6.39 -6.79
C PHE A 207 -25.77 6.39 -8.20
N SER A 208 -24.55 6.90 -8.36
CA SER A 208 -23.88 6.84 -9.65
C SER A 208 -23.59 5.40 -10.04
N PHE A 209 -23.43 4.52 -9.05
CA PHE A 209 -23.23 3.09 -9.33
C PHE A 209 -24.44 2.49 -10.02
N SER A 210 -25.64 3.02 -9.75
CA SER A 210 -26.86 2.49 -10.33
C SER A 210 -27.20 3.13 -11.67
N MET A 211 -26.80 4.38 -11.90
CA MET A 211 -27.03 5.01 -13.19
C MET A 211 -26.18 4.38 -14.29
N ILE A 212 -24.97 3.93 -13.95
CA ILE A 212 -24.12 3.28 -14.94
C ILE A 212 -24.68 1.94 -15.35
N LEU A 213 -25.18 1.17 -14.39
CA LEU A 213 -25.71 -0.16 -14.70
C LEU A 213 -27.06 -0.09 -15.40
N GLY A 214 -27.86 0.93 -15.09
CA GLY A 214 -29.10 1.13 -15.82
C GLY A 214 -28.86 1.28 -17.32
N GLU A 215 -27.79 1.97 -17.69
CA GLU A 215 -27.42 2.09 -19.10
C GLU A 215 -26.69 0.85 -19.60
N LEU A 216 -25.92 0.20 -18.74
CA LEU A 216 -25.20 -1.01 -19.14
C LEU A 216 -26.14 -2.16 -19.49
N ILE A 217 -27.38 -2.11 -19.04
CA ILE A 217 -28.36 -3.14 -19.35
C ILE A 217 -29.55 -2.59 -20.12
N ARG A 218 -29.40 -1.40 -20.72
CA ARG A 218 -30.46 -0.84 -21.54
C ARG A 218 -30.57 -1.60 -22.86
N ALA A 219 -31.81 -1.95 -23.23
CA ALA A 219 -32.10 -2.61 -24.51
C ALA A 219 -31.32 -3.92 -24.64
N THR A 220 -31.44 -4.77 -23.62
CA THR A 220 -30.70 -6.03 -23.58
C THR A 220 -31.54 -7.22 -24.01
N LYS A 221 -32.85 -7.04 -24.22
CA LYS A 221 -33.78 -8.16 -24.37
C LYS A 221 -33.76 -9.08 -23.15
N GLY A 222 -33.53 -8.46 -21.97
CA GLY A 222 -33.56 -9.15 -20.70
C GLY A 222 -32.21 -9.62 -20.18
N ARG A 223 -31.22 -9.82 -21.07
CA ARG A 223 -29.99 -10.56 -20.74
C ARG A 223 -29.05 -9.73 -19.84
N THR A 224 -29.57 -9.37 -18.66
CA THR A 224 -28.96 -8.37 -17.81
C THR A 224 -28.19 -8.91 -16.61
N ILE A 225 -28.37 -10.18 -16.24
CA ILE A 225 -27.69 -10.72 -15.06
C ILE A 225 -26.17 -10.65 -15.23
N TYR A 226 -25.67 -11.13 -16.38
CA TYR A 226 -24.24 -11.20 -16.58
C TYR A 226 -23.61 -9.80 -16.64
N ILE A 227 -24.31 -8.84 -17.24
CA ILE A 227 -23.80 -7.48 -17.30
C ILE A 227 -23.73 -6.87 -15.90
N ALA A 228 -24.79 -7.08 -15.11
CA ALA A 228 -24.87 -6.42 -13.81
C ALA A 228 -23.89 -7.02 -12.81
N THR A 229 -23.76 -8.35 -12.80
CA THR A 229 -22.84 -8.98 -11.86
C THR A 229 -21.38 -8.72 -12.23
N THR A 230 -21.08 -8.64 -13.53
CA THR A 230 -19.71 -8.38 -13.96
C THR A 230 -19.26 -6.98 -13.54
N PHE A 231 -20.17 -6.01 -13.56
CA PHE A 231 -19.82 -4.65 -13.15
C PHE A 231 -19.79 -4.52 -11.63
N HIS A 232 -20.76 -5.14 -10.94
CA HIS A 232 -20.82 -5.03 -9.48
C HIS A 232 -19.62 -5.72 -8.84
N ALA A 233 -19.24 -6.89 -9.34
CA ALA A 233 -18.11 -7.62 -8.75
C ALA A 233 -16.79 -6.92 -9.05
N SER A 234 -16.59 -6.49 -10.29
CA SER A 234 -15.36 -5.79 -10.64
C SER A 234 -15.19 -4.50 -9.83
N MET A 235 -16.30 -3.87 -9.46
CA MET A 235 -16.24 -2.62 -8.71
C MET A 235 -15.77 -2.86 -7.28
N THR A 236 -16.51 -3.69 -6.54
CA THR A 236 -16.19 -3.91 -5.14
C THR A 236 -14.85 -4.59 -4.97
N PHE A 237 -14.60 -5.65 -5.74
CA PHE A 237 -13.31 -6.33 -5.66
C PHE A 237 -12.18 -5.41 -6.11
N GLY A 238 -12.40 -4.62 -7.15
CA GLY A 238 -11.39 -3.67 -7.58
C GLY A 238 -11.09 -2.62 -6.53
N LEU A 239 -12.09 -2.22 -5.75
CA LEU A 239 -11.86 -1.25 -4.68
C LEU A 239 -11.10 -1.87 -3.52
N ILE A 240 -11.46 -3.09 -3.13
CA ILE A 240 -10.80 -3.71 -1.98
C ILE A 240 -9.41 -4.22 -2.37
N PHE A 241 -9.21 -4.66 -3.61
CA PHE A 241 -7.90 -5.16 -4.03
C PHE A 241 -6.88 -4.03 -4.14
N LEU A 242 -7.32 -2.79 -4.33
CA LEU A 242 -6.42 -1.65 -4.51
C LEU A 242 -6.44 -0.68 -3.35
N PHE A 243 -7.60 -0.37 -2.80
CA PHE A 243 -7.75 0.69 -1.80
C PHE A 243 -8.18 0.13 -0.45
N SER A 244 -7.66 -1.04 -0.09
CA SER A 244 -8.03 -1.66 1.17
C SER A 244 -7.52 -0.87 2.37
N GLU A 245 -6.37 -0.21 2.24
CA GLU A 245 -5.84 0.60 3.33
C GLU A 245 -6.51 1.96 3.44
N GLU A 246 -7.55 2.22 2.65
CA GLU A 246 -8.24 3.50 2.66
C GLU A 246 -9.63 3.41 3.25
N ILE A 247 -9.97 2.31 3.91
CA ILE A 247 -11.33 2.11 4.41
C ILE A 247 -11.62 3.14 5.50
N GLY A 248 -12.68 3.92 5.30
CA GLY A 248 -13.13 4.88 6.28
C GLY A 248 -12.65 6.30 6.05
N ASP A 249 -11.64 6.49 5.21
CA ASP A 249 -11.10 7.83 4.98
C ASP A 249 -12.10 8.66 4.20
N LEU A 250 -12.41 9.85 4.74
CA LEU A 250 -13.39 10.73 4.09
C LEU A 250 -12.90 11.20 2.73
N PHE A 251 -11.59 11.43 2.59
CA PHE A 251 -11.06 11.83 1.29
C PHE A 251 -11.14 10.69 0.27
N SER A 252 -11.01 9.44 0.73
CA SER A 252 -11.05 8.32 -0.18
C SER A 252 -12.44 8.11 -0.75
N ILE A 253 -13.48 8.24 0.08
CA ILE A 253 -14.84 8.10 -0.43
C ILE A 253 -15.23 9.29 -1.30
N LYS A 254 -14.58 10.44 -1.11
CA LYS A 254 -14.87 11.60 -1.96
C LYS A 254 -14.39 11.36 -3.38
N VAL A 255 -13.11 11.01 -3.54
CA VAL A 255 -12.56 10.80 -4.87
C VAL A 255 -13.25 9.64 -5.56
N ILE A 256 -13.63 8.61 -4.81
CA ILE A 256 -14.32 7.47 -5.41
C ILE A 256 -15.72 7.89 -5.87
N ALA A 257 -16.45 8.61 -5.03
CA ALA A 257 -17.77 9.09 -5.42
C ALA A 257 -17.67 10.05 -6.60
N ILE A 258 -16.65 10.90 -6.62
CA ILE A 258 -16.49 11.84 -7.72
C ILE A 258 -16.04 11.12 -8.98
N SER A 259 -15.05 10.23 -8.85
CA SER A 259 -14.58 9.48 -10.01
C SER A 259 -15.68 8.61 -10.60
N THR A 260 -16.53 8.04 -9.76
CA THR A 260 -17.66 7.26 -10.26
C THR A 260 -18.71 8.16 -10.90
N ALA A 261 -18.96 9.33 -10.32
CA ALA A 261 -19.94 10.25 -10.88
C ALA A 261 -19.43 10.87 -12.18
N ILE A 262 -18.12 11.13 -12.27
CA ILE A 262 -17.56 11.68 -13.50
C ILE A 262 -17.68 10.67 -14.63
N VAL A 263 -17.36 9.40 -14.36
CA VAL A 263 -17.51 8.37 -15.37
C VAL A 263 -18.99 8.12 -15.67
N ALA A 264 -19.85 8.32 -14.68
CA ALA A 264 -21.29 8.11 -14.89
C ALA A 264 -21.85 9.14 -15.87
N VAL A 265 -21.62 10.43 -15.61
CA VAL A 265 -22.18 11.47 -16.46
C VAL A 265 -21.59 11.40 -17.87
N GLY A 266 -20.35 10.92 -17.99
CA GLY A 266 -19.77 10.77 -19.32
C GLY A 266 -20.39 9.62 -20.09
N TYR A 267 -20.55 8.47 -19.43
CA TYR A 267 -21.15 7.31 -20.09
C TYR A 267 -22.63 7.55 -20.37
N ILE A 268 -23.34 8.19 -19.44
CA ILE A 268 -24.73 8.54 -19.69
C ILE A 268 -24.83 9.58 -20.80
N GLY A 269 -23.95 10.58 -20.77
CA GLY A 269 -23.98 11.59 -21.82
C GLY A 269 -23.59 11.04 -23.18
N LEU A 270 -22.62 10.13 -23.21
CA LEU A 270 -22.21 9.52 -24.48
C LEU A 270 -23.37 8.76 -25.11
N SER A 271 -23.96 7.83 -24.36
CA SER A 271 -25.05 7.01 -24.88
C SER A 271 -26.32 7.81 -25.16
N LEU A 272 -26.36 9.09 -24.78
CA LEU A 272 -27.52 9.93 -25.04
C LEU A 272 -27.40 10.67 -26.37
N ILE A 273 -26.18 11.04 -26.78
CA ILE A 273 -26.04 11.79 -28.02
C ILE A 273 -25.97 10.85 -29.22
N ILE A 274 -25.49 9.63 -29.05
CA ILE A 274 -25.59 8.64 -30.12
C ILE A 274 -27.04 8.20 -30.27
N ARG A 275 -27.82 8.24 -29.20
CA ARG A 275 -29.24 7.97 -29.27
C ARG A 275 -29.94 9.06 -30.08
N LYS B 6 -28.98 -4.17 -31.87
CA LYS B 6 -28.93 -5.63 -31.96
C LYS B 6 -27.50 -6.14 -31.79
N GLY B 7 -27.35 -7.46 -31.78
CA GLY B 7 -26.03 -8.05 -31.59
C GLY B 7 -25.09 -7.68 -32.72
N SER B 8 -23.83 -7.42 -32.37
CA SER B 8 -22.85 -6.94 -33.33
C SER B 8 -21.51 -7.62 -33.06
N ILE B 9 -20.72 -7.77 -34.13
CA ILE B 9 -19.40 -8.37 -34.02
C ILE B 9 -18.28 -7.34 -34.14
N PHE B 10 -18.48 -6.25 -34.87
CA PHE B 10 -17.46 -5.21 -34.97
C PHE B 10 -17.41 -4.34 -33.72
N GLY B 11 -18.53 -4.23 -33.00
CA GLY B 11 -18.52 -3.52 -31.74
C GLY B 11 -17.74 -4.26 -30.67
N ILE B 12 -17.69 -5.59 -30.77
CA ILE B 12 -16.88 -6.38 -29.84
C ILE B 12 -15.40 -6.09 -30.05
N ILE B 13 -14.96 -6.09 -31.31
CA ILE B 13 -13.56 -5.81 -31.61
C ILE B 13 -13.16 -4.42 -31.11
N GLY B 14 -14.06 -3.44 -31.27
CA GLY B 14 -13.78 -2.12 -30.76
C GLY B 14 -13.65 -2.08 -29.25
N LEU B 15 -14.37 -2.95 -28.55
CA LEU B 15 -14.31 -2.98 -27.09
C LEU B 15 -13.23 -3.89 -26.55
N VAL B 16 -12.91 -4.98 -27.26
CA VAL B 16 -11.73 -5.75 -26.92
C VAL B 16 -10.49 -4.88 -27.03
N VAL B 17 -10.49 -3.97 -28.01
CA VAL B 17 -9.39 -3.02 -28.16
C VAL B 17 -9.32 -2.08 -26.96
N ILE B 18 -10.46 -1.50 -26.58
CA ILE B 18 -10.48 -0.63 -25.42
C ILE B 18 -10.16 -1.41 -24.16
N PHE B 19 -10.53 -2.69 -24.10
CA PHE B 19 -10.22 -3.49 -22.92
C PHE B 19 -8.72 -3.71 -22.79
N ALA B 20 -8.02 -3.93 -23.91
CA ALA B 20 -6.58 -4.14 -23.85
C ALA B 20 -5.86 -2.85 -23.47
N VAL B 21 -6.34 -1.71 -23.96
CA VAL B 21 -5.68 -0.43 -23.67
C VAL B 21 -5.87 -0.05 -22.21
N VAL B 22 -7.11 -0.11 -21.73
CA VAL B 22 -7.39 0.30 -20.35
C VAL B 22 -6.74 -0.67 -19.37
N SER B 23 -6.69 -1.96 -19.70
CA SER B 23 -5.99 -2.91 -18.84
C SER B 23 -4.48 -2.72 -18.88
N PHE B 24 -3.96 -2.09 -19.94
CA PHE B 24 -2.53 -1.80 -20.01
C PHE B 24 -2.15 -0.68 -19.05
N LEU B 25 -2.96 0.39 -19.01
CA LEU B 25 -2.69 1.48 -18.08
C LEU B 25 -2.95 1.06 -16.64
N PHE B 26 -3.92 0.16 -16.42
CA PHE B 26 -4.16 -0.37 -15.08
C PHE B 26 -2.93 -1.12 -14.58
N PHE B 27 -2.35 -1.98 -15.44
CA PHE B 27 -1.15 -2.70 -15.06
C PHE B 27 0.05 -1.78 -14.98
N SER B 28 0.08 -0.71 -15.78
CA SER B 28 1.20 0.23 -15.75
C SER B 28 1.24 1.04 -14.47
N MET B 29 0.16 1.06 -13.70
CA MET B 29 0.11 1.78 -12.43
C MET B 29 0.20 0.87 -11.22
N ILE B 30 0.08 -0.45 -11.40
CA ILE B 30 0.34 -1.40 -10.32
C ILE B 30 1.70 -2.07 -10.47
N SER B 31 2.44 -1.77 -11.54
CA SER B 31 3.74 -2.38 -11.76
C SER B 31 4.75 -2.01 -10.68
N ASP B 32 4.56 -0.88 -10.01
CA ASP B 32 5.49 -0.48 -8.96
C ASP B 32 5.49 -1.45 -7.79
N GLN B 33 4.34 -2.08 -7.50
CA GLN B 33 4.17 -2.90 -6.32
C GLN B 33 4.17 -4.39 -6.62
N ILE B 34 4.72 -4.81 -7.77
CA ILE B 34 4.73 -6.22 -8.11
C ILE B 34 6.11 -6.64 -8.60
N PHE B 35 6.81 -5.74 -9.29
CA PHE B 35 8.05 -6.05 -9.96
C PHE B 35 9.23 -5.40 -9.25
N PHE B 36 10.36 -6.11 -9.23
CA PHE B 36 11.57 -5.62 -8.59
C PHE B 36 12.15 -4.46 -9.40
N LYS B 37 12.46 -3.37 -8.70
CA LYS B 37 13.10 -2.20 -9.32
C LYS B 37 14.60 -2.28 -9.05
N HIS B 38 15.38 -2.47 -10.10
CA HIS B 38 16.82 -2.55 -9.99
C HIS B 38 17.44 -1.15 -10.04
N VAL B 39 18.54 -0.98 -9.33
CA VAL B 39 19.24 0.30 -9.24
C VAL B 39 20.70 0.07 -9.58
N LYS B 40 21.22 0.87 -10.51
CA LYS B 40 22.64 0.80 -10.84
C LYS B 40 23.48 1.28 -9.66
N SER B 41 24.41 0.44 -9.22
CA SER B 41 25.17 0.71 -8.01
C SER B 41 26.41 1.57 -8.33
N ASP B 42 26.72 2.48 -7.41
CA ASP B 42 27.93 3.29 -7.46
C ASP B 42 28.79 2.88 -6.27
N ILE B 43 29.80 2.05 -6.54
CA ILE B 43 30.59 1.41 -5.50
C ILE B 43 31.96 2.07 -5.44
N LYS B 44 32.29 2.65 -4.29
CA LYS B 44 33.61 3.23 -4.05
C LYS B 44 34.51 2.18 -3.40
N ILE B 45 35.64 1.88 -4.05
CA ILE B 45 36.61 0.91 -3.57
C ILE B 45 37.80 1.66 -2.99
N GLU B 46 38.04 1.48 -1.69
CA GLU B 46 39.12 2.17 -0.99
C GLU B 46 40.18 1.16 -0.59
N LYS B 47 41.39 1.31 -1.13
CA LYS B 47 42.49 0.42 -0.80
C LYS B 47 43.08 0.78 0.56
N LEU B 48 43.45 -0.24 1.33
CA LEU B 48 43.99 -0.05 2.67
C LEU B 48 45.42 -0.54 2.74
N ASN B 49 46.18 0.02 3.68
CA ASN B 49 47.56 -0.39 3.91
C ASN B 49 47.69 -1.53 4.91
N VAL B 50 46.68 -1.74 5.75
CA VAL B 50 46.72 -2.78 6.77
C VAL B 50 46.21 -4.07 6.18
N THR B 51 46.89 -5.18 6.50
CA THR B 51 46.40 -6.49 6.12
C THR B 51 45.26 -6.92 7.05
N LEU B 52 44.49 -7.91 6.58
CA LEU B 52 43.38 -8.41 7.40
C LEU B 52 43.89 -9.04 8.69
N ASN B 53 45.04 -9.71 8.63
CA ASN B 53 45.63 -10.28 9.83
C ASN B 53 46.04 -9.18 10.81
N ASP B 54 46.75 -8.16 10.32
CA ASP B 54 47.20 -7.08 11.20
C ASP B 54 46.03 -6.25 11.70
N ALA B 55 44.94 -6.16 10.93
CA ALA B 55 43.74 -5.49 11.43
C ALA B 55 43.03 -6.34 12.47
N ALA B 56 42.98 -7.66 12.26
CA ALA B 56 42.42 -8.55 13.27
C ALA B 56 43.25 -8.53 14.53
N LYS B 57 44.58 -8.51 14.39
CA LYS B 57 45.45 -8.41 15.57
C LYS B 57 45.11 -7.18 16.40
N LYS B 58 44.89 -6.04 15.76
CA LYS B 58 44.61 -4.79 16.46
C LYS B 58 43.23 -4.76 17.08
N GLN B 59 42.30 -5.61 16.62
CA GLN B 59 41.03 -5.76 17.31
C GLN B 59 41.11 -6.74 18.47
N ILE B 60 42.10 -7.64 18.46
CA ILE B 60 42.08 -8.74 19.42
C ILE B 60 42.61 -8.28 20.77
N ASN B 61 43.63 -7.41 20.79
CA ASN B 61 44.32 -7.15 22.05
C ASN B 61 44.18 -5.73 22.58
N ASN B 62 44.49 -4.70 21.78
CA ASN B 62 44.66 -3.37 22.40
C ASN B 62 43.36 -2.85 23.00
N TYR B 63 42.23 -3.04 22.33
CA TYR B 63 40.96 -2.66 22.93
C TYR B 63 40.28 -3.83 23.66
N THR B 64 40.03 -4.94 22.94
CA THR B 64 39.43 -6.14 23.56
C THR B 64 38.15 -5.78 24.31
N SER B 65 37.35 -4.91 23.71
CA SER B 65 35.99 -4.64 24.18
C SER B 65 34.95 -5.25 23.24
N GLN B 66 35.33 -6.30 22.52
CA GLN B 66 34.44 -6.93 21.55
C GLN B 66 33.53 -7.91 22.27
N GLN B 67 32.25 -7.57 22.38
CA GLN B 67 31.28 -8.33 23.16
C GLN B 67 30.52 -9.32 22.27
N VAL B 68 30.02 -10.38 22.92
CA VAL B 68 29.21 -11.40 22.27
C VAL B 68 28.13 -11.85 23.27
N SER B 69 26.89 -11.92 22.80
CA SER B 69 25.84 -12.52 23.61
C SER B 69 25.98 -14.04 23.59
N ASN B 70 26.04 -14.65 24.77
CA ASN B 70 26.21 -16.08 24.88
C ASN B 70 24.90 -16.79 24.53
N LYS B 71 24.90 -18.12 24.67
CA LYS B 71 23.71 -18.90 24.35
C LYS B 71 22.52 -18.50 25.23
N LYS B 72 22.78 -18.02 26.44
CA LYS B 72 21.70 -17.56 27.31
C LYS B 72 21.05 -16.30 26.76
N ASN B 73 21.78 -15.51 25.96
CA ASN B 73 21.31 -14.23 25.43
C ASN B 73 20.90 -13.27 26.55
N ASP B 74 21.51 -13.43 27.72
CA ASP B 74 21.25 -12.57 28.86
C ASP B 74 22.49 -11.88 29.41
N ALA B 75 23.69 -12.34 29.05
CA ALA B 75 24.93 -11.75 29.51
C ALA B 75 25.90 -11.63 28.35
N TRP B 76 26.80 -10.66 28.45
CA TRP B 76 27.81 -10.43 27.43
C TRP B 76 29.14 -11.03 27.87
N ARG B 77 29.91 -11.50 26.90
CA ARG B 77 31.22 -12.08 27.15
C ARG B 77 32.20 -11.54 26.12
N ASP B 78 33.48 -11.79 26.36
CA ASP B 78 34.51 -11.41 25.40
C ASP B 78 34.45 -12.29 24.17
N ALA B 79 34.66 -11.68 23.00
CA ALA B 79 34.63 -12.41 21.75
C ALA B 79 35.93 -13.18 21.55
N SER B 80 35.83 -14.34 20.90
CA SER B 80 37.00 -15.15 20.60
C SER B 80 37.81 -14.51 19.47
N ALA B 81 39.03 -15.01 19.30
CA ALA B 81 39.86 -14.55 18.19
C ALA B 81 39.29 -15.00 16.86
N THR B 82 38.72 -16.20 16.81
CA THR B 82 38.08 -16.67 15.58
C THR B 82 36.74 -15.99 15.35
N GLU B 83 36.01 -15.69 16.43
CA GLU B 83 34.74 -14.98 16.28
C GLU B 83 34.94 -13.56 15.77
N ILE B 84 36.00 -12.90 16.21
CA ILE B 84 36.31 -11.56 15.70
C ILE B 84 36.77 -11.64 14.25
N LYS B 85 37.49 -12.70 13.89
CA LYS B 85 37.99 -12.85 12.52
C LYS B 85 36.84 -13.01 11.53
N SER B 86 35.85 -13.83 11.87
CA SER B 86 34.72 -14.06 10.96
C SER B 86 33.81 -12.83 10.89
N ALA B 87 33.70 -12.08 11.97
CA ALA B 87 32.80 -10.92 11.98
C ALA B 87 33.36 -9.76 11.17
N MET B 88 34.69 -9.66 11.06
CA MET B 88 35.32 -8.54 10.39
C MET B 88 35.89 -8.87 9.03
N ASP B 89 35.70 -10.10 8.55
CA ASP B 89 36.19 -10.47 7.21
C ASP B 89 35.24 -9.87 6.19
N SER B 90 35.62 -8.71 5.64
CA SER B 90 34.75 -8.00 4.71
C SER B 90 34.57 -8.76 3.39
N GLY B 91 35.43 -9.73 3.10
CA GLY B 91 35.31 -10.47 1.85
C GLY B 91 34.13 -11.43 1.84
N THR B 92 33.70 -11.89 3.01
CA THR B 92 32.60 -12.85 3.08
C THR B 92 31.25 -12.18 2.87
N PHE B 93 31.13 -10.89 3.18
CA PHE B 93 29.86 -10.19 3.14
C PHE B 93 29.52 -9.62 1.76
N ILE B 94 30.39 -9.83 0.76
CA ILE B 94 30.16 -9.20 -0.54
C ILE B 94 29.06 -9.92 -1.31
N ASP B 95 29.14 -11.25 -1.41
CA ASP B 95 28.15 -12.02 -2.13
C ASP B 95 26.90 -12.32 -1.30
N ASN B 96 26.72 -11.64 -0.17
CA ASN B 96 25.56 -11.84 0.69
C ASN B 96 24.50 -10.81 0.35
N GLU B 97 23.24 -11.27 0.28
CA GLU B 97 22.15 -10.38 -0.09
C GLU B 97 21.84 -9.38 1.02
N LYS B 98 21.79 -9.85 2.27
CA LYS B 98 21.47 -8.95 3.38
C LYS B 98 22.69 -8.19 3.88
N GLN B 99 23.84 -8.85 3.93
CA GLN B 99 25.03 -8.26 4.54
C GLN B 99 25.82 -7.37 3.59
N LYS B 100 25.42 -7.28 2.33
CA LYS B 100 26.03 -6.28 1.44
C LYS B 100 25.74 -4.87 1.92
N TYR B 101 24.72 -4.69 2.77
CA TYR B 101 24.36 -3.39 3.29
C TYR B 101 25.20 -2.98 4.49
N GLN B 102 26.14 -3.82 4.93
CA GLN B 102 27.21 -3.33 5.79
C GLN B 102 28.06 -2.30 5.07
N PHE B 103 28.04 -2.30 3.73
CA PHE B 103 28.84 -1.41 2.92
C PHE B 103 28.02 -0.27 2.31
N LEU B 104 26.75 -0.13 2.69
CA LEU B 104 25.93 0.94 2.16
C LEU B 104 26.36 2.27 2.75
N ASP B 105 26.66 3.22 1.87
CA ASP B 105 27.04 4.58 2.30
C ASP B 105 25.82 5.24 2.92
N LEU B 106 25.77 5.26 4.26
CA LEU B 106 24.64 5.82 4.99
C LEU B 106 24.58 7.34 4.93
N SER B 107 25.50 8.00 4.23
CA SER B 107 25.54 9.45 4.16
C SER B 107 25.11 10.00 2.81
N LYS B 108 24.82 9.14 1.84
CA LYS B 108 24.43 9.58 0.51
C LYS B 108 22.93 9.38 0.32
N TYR B 109 22.21 10.49 0.15
CA TYR B 109 20.79 10.43 -0.14
C TYR B 109 20.58 9.78 -1.50
N GLN B 110 19.77 8.72 -1.53
CA GLN B 110 19.59 7.93 -2.75
C GLN B 110 18.51 8.50 -3.66
N GLY B 111 17.39 8.94 -3.09
CA GLY B 111 16.31 9.50 -3.89
C GLY B 111 15.28 8.48 -4.30
N ILE B 112 14.78 7.71 -3.33
CA ILE B 112 13.78 6.70 -3.60
C ILE B 112 12.41 7.34 -3.75
N ASP B 113 11.57 6.74 -4.60
CA ASP B 113 10.24 7.27 -4.89
C ASP B 113 9.47 7.55 -3.59
N LYS B 114 8.76 8.68 -3.58
CA LYS B 114 8.02 9.07 -2.39
C LYS B 114 6.89 8.08 -2.07
N ASN B 115 6.29 7.48 -3.10
CA ASN B 115 5.20 6.54 -2.86
C ASN B 115 5.71 5.23 -2.27
N ARG B 116 6.95 4.84 -2.60
CA ARG B 116 7.53 3.64 -1.99
C ARG B 116 7.74 3.84 -0.49
N ILE B 117 8.20 5.03 -0.09
CA ILE B 117 8.40 5.30 1.33
C ILE B 117 7.07 5.40 2.05
N LYS B 118 6.08 6.06 1.43
CA LYS B 118 4.78 6.20 2.07
C LYS B 118 4.11 4.85 2.32
N ARG B 119 4.36 3.86 1.45
CA ARG B 119 3.78 2.55 1.63
C ARG B 119 4.37 1.81 2.83
N MET B 120 5.57 2.20 3.28
CA MET B 120 6.18 1.55 4.44
C MET B 120 5.68 2.13 5.75
N LEU B 121 5.31 3.41 5.76
CA LEU B 121 4.80 4.06 6.96
C LEU B 121 3.28 3.98 7.05
N VAL B 122 2.67 2.98 6.41
CA VAL B 122 1.21 2.89 6.37
C VAL B 122 0.63 2.64 7.75
N ASP B 123 1.38 1.97 8.62
CA ASP B 123 0.93 1.68 9.98
C ASP B 123 1.52 2.65 11.00
N ARG B 124 2.09 3.76 10.55
CA ARG B 124 2.65 4.79 11.43
C ARG B 124 2.14 6.14 10.94
N PRO B 125 0.91 6.52 11.31
CA PRO B 125 0.34 7.77 10.79
C PRO B 125 1.11 9.02 11.16
N THR B 126 1.79 9.03 12.31
CA THR B 126 2.58 10.20 12.67
C THR B 126 3.79 10.37 11.76
N LEU B 127 4.43 9.27 11.39
CA LEU B 127 5.56 9.33 10.47
C LEU B 127 5.12 9.48 9.02
N LEU B 128 3.91 9.01 8.69
CA LEU B 128 3.42 9.13 7.33
C LEU B 128 3.03 10.56 6.99
N LYS B 129 2.56 11.31 7.98
CA LYS B 129 2.22 12.72 7.75
C LYS B 129 3.44 13.54 7.39
N HIS B 130 4.62 13.14 7.85
CA HIS B 130 5.84 13.92 7.67
C HIS B 130 6.86 13.19 6.78
N THR B 131 6.36 12.37 5.84
CA THR B 131 7.27 11.70 4.91
C THR B 131 8.05 12.71 4.08
N ASP B 132 7.40 13.82 3.72
CA ASP B 132 8.09 14.85 2.94
C ASP B 132 9.22 15.48 3.76
N ASP B 133 9.00 15.70 5.06
CA ASP B 133 10.04 16.30 5.89
C ASP B 133 11.23 15.35 6.06
N PHE B 134 10.96 14.05 6.13
CA PHE B 134 12.05 13.07 6.24
C PHE B 134 12.92 13.09 5.00
N LEU B 135 12.30 13.09 3.82
CA LEU B 135 13.08 13.04 2.57
C LEU B 135 13.81 14.35 2.32
N LYS B 136 13.16 15.48 2.62
CA LYS B 136 13.83 16.77 2.50
C LYS B 136 15.02 16.85 3.45
N ALA B 137 14.88 16.29 4.65
CA ALA B 137 15.99 16.30 5.61
C ALA B 137 17.08 15.33 5.20
N ALA B 138 16.70 14.14 4.72
CA ALA B 138 17.71 13.16 4.31
C ALA B 138 18.56 13.66 3.17
N LYS B 139 17.99 14.51 2.31
CA LYS B 139 18.75 15.07 1.19
C LYS B 139 19.52 16.33 1.58
N ASP B 140 18.93 17.17 2.43
CA ASP B 140 19.63 18.39 2.85
C ASP B 140 20.72 18.09 3.87
N LYS B 141 20.49 17.14 4.76
CA LYS B 141 21.45 16.79 5.79
C LYS B 141 22.30 15.59 5.40
N HIS B 142 22.24 15.15 4.15
CA HIS B 142 23.13 14.12 3.60
C HIS B 142 23.09 12.84 4.44
N VAL B 143 21.90 12.29 4.59
CA VAL B 143 21.69 11.01 5.27
C VAL B 143 20.88 10.11 4.35
N ASN B 144 21.26 8.83 4.29
CA ASN B 144 20.49 7.86 3.53
C ASN B 144 19.06 7.78 4.07
N GLU B 145 18.09 7.99 3.19
CA GLU B 145 16.70 8.11 3.62
C GLU B 145 16.18 6.81 4.24
N VAL B 146 16.65 5.66 3.76
CA VAL B 146 16.23 4.39 4.34
C VAL B 146 16.78 4.26 5.75
N TYR B 147 18.02 4.68 5.97
CA TYR B 147 18.60 4.64 7.30
C TYR B 147 17.96 5.68 8.22
N LEU B 148 17.66 6.86 7.68
CA LEU B 148 17.03 7.91 8.48
C LEU B 148 15.62 7.50 8.91
N ILE B 149 14.89 6.81 8.04
CA ILE B 149 13.52 6.40 8.36
C ILE B 149 13.54 5.27 9.37
N SER B 150 14.26 4.19 9.07
CA SER B 150 14.28 3.03 9.96
C SER B 150 14.80 3.39 11.35
N HIS B 151 15.70 4.36 11.44
CA HIS B 151 16.13 4.84 12.74
C HIS B 151 14.99 5.54 13.47
N ALA B 152 14.25 6.39 12.75
CA ALA B 152 13.08 7.04 13.34
C ALA B 152 11.97 6.04 13.66
N LEU B 153 11.91 4.91 12.94
CA LEU B 153 10.92 3.89 13.26
C LEU B 153 11.23 3.20 14.57
N LEU B 154 12.50 2.87 14.80
CA LEU B 154 12.89 2.18 16.03
C LEU B 154 12.99 3.13 17.21
N GLU B 155 13.39 4.38 16.97
CA GLU B 155 13.49 5.39 18.03
C GLU B 155 12.15 6.06 18.32
N THR B 156 11.07 5.59 17.71
CA THR B 156 9.71 6.04 18.04
C THR B 156 8.82 4.82 18.27
N GLY B 157 9.26 3.96 19.19
CA GLY B 157 8.54 2.73 19.48
C GLY B 157 7.31 2.93 20.35
N ALA B 158 7.11 2.04 21.32
CA ALA B 158 5.93 2.11 22.17
C ALA B 158 5.88 3.40 22.95
N VAL B 159 6.86 3.59 23.85
CA VAL B 159 6.89 4.81 24.64
C VAL B 159 7.54 5.97 23.89
N LYS B 160 8.27 5.68 22.82
CA LYS B 160 9.01 6.71 22.10
C LYS B 160 8.18 7.42 21.04
N SER B 161 7.20 6.75 20.44
CA SER B 161 6.31 7.43 19.52
C SER B 161 5.44 8.46 20.25
N GLU B 162 5.14 8.21 21.52
CA GLU B 162 4.47 9.22 22.34
C GLU B 162 5.32 10.47 22.46
N LEU B 163 6.64 10.34 22.36
CA LEU B 163 7.52 11.48 22.27
C LEU B 163 7.51 12.12 20.89
N ALA B 164 7.14 11.35 19.85
CA ALA B 164 7.07 11.90 18.50
C ALA B 164 5.82 12.73 18.27
N ASN B 165 4.78 12.55 19.08
CA ASN B 165 3.55 13.32 18.94
C ASN B 165 3.54 14.59 19.78
N GLY B 166 4.57 14.83 20.59
CA GLY B 166 4.64 16.04 21.38
C GLY B 166 4.42 15.82 22.87
N VAL B 167 5.31 16.38 23.68
CA VAL B 167 5.20 16.31 25.14
C VAL B 167 4.88 17.71 25.66
N GLU B 168 3.78 17.83 26.41
CA GLU B 168 3.37 19.11 26.94
C GLU B 168 4.32 19.53 28.06
N ILE B 169 5.13 20.54 27.80
CA ILE B 169 6.04 21.12 28.78
C ILE B 169 5.64 22.58 28.96
N ASP B 170 5.02 22.89 30.10
CA ASP B 170 4.48 24.23 30.39
C ASP B 170 3.45 24.55 29.31
N GLY B 171 3.64 25.59 28.50
CA GLY B 171 2.67 25.92 27.47
C GLY B 171 3.13 25.59 26.07
N LYS B 172 4.08 24.66 25.95
CA LYS B 172 4.63 24.28 24.66
C LYS B 172 4.67 22.76 24.56
N LYS B 173 4.64 22.26 23.32
CA LYS B 173 4.72 20.84 23.03
C LYS B 173 5.90 20.61 22.10
N TYR B 174 6.85 19.79 22.53
CA TYR B 174 8.07 19.53 21.78
C TYR B 174 8.08 18.11 21.24
N TYR B 175 8.62 17.94 20.03
CA TYR B 175 8.60 16.68 19.33
C TYR B 175 10.01 16.15 19.15
N ASN B 176 10.15 14.83 19.13
CA ASN B 176 11.43 14.17 18.93
C ASN B 176 11.18 12.88 18.16
N PHE B 177 11.60 12.83 16.91
CA PHE B 177 11.31 11.72 16.03
C PHE B 177 12.45 10.71 15.91
N TYR B 178 13.63 11.01 16.45
CA TYR B 178 14.76 10.10 16.39
C TYR B 178 15.21 9.65 17.78
N GLY B 179 14.38 9.87 18.79
CA GLY B 179 14.68 9.44 20.15
C GLY B 179 15.99 9.95 20.69
N VAL B 180 16.52 11.01 20.07
CA VAL B 180 17.81 11.54 20.47
C VAL B 180 17.68 12.28 21.79
N GLY B 181 18.76 12.26 22.58
CA GLY B 181 18.73 12.87 23.89
C GLY B 181 17.83 12.19 24.89
N ALA B 182 17.30 11.02 24.58
CA ALA B 182 16.39 10.30 25.45
C ALA B 182 17.16 9.21 26.17
N LEU B 183 17.41 9.39 27.46
CA LEU B 183 18.14 8.43 28.25
C LEU B 183 17.23 7.28 28.67
N ASP B 184 17.86 6.13 28.95
CA ASP B 184 17.10 4.94 29.34
C ASP B 184 16.47 5.07 30.71
N LYS B 185 16.96 5.99 31.55
CA LYS B 185 16.33 6.22 32.85
C LYS B 185 14.89 6.71 32.68
N ASP B 186 14.70 7.74 31.85
CA ASP B 186 13.36 8.24 31.53
C ASP B 186 13.39 8.69 30.07
N PRO B 187 12.83 7.90 29.16
CA PRO B 187 12.96 8.25 27.73
C PRO B 187 12.12 9.44 27.32
N ILE B 188 10.89 9.56 27.84
CA ILE B 188 10.03 10.67 27.45
C ILE B 188 10.53 11.98 28.05
N LYS B 189 10.88 11.97 29.34
CA LYS B 189 11.32 13.19 30.01
C LYS B 189 12.63 13.70 29.41
N THR B 190 13.67 12.86 29.43
CA THR B 190 14.97 13.29 28.90
C THR B 190 14.89 13.60 27.40
N GLY B 191 14.04 12.87 26.68
CA GLY B 191 13.90 13.15 25.25
C GLY B 191 13.24 14.48 24.97
N ALA B 192 12.20 14.82 25.75
CA ALA B 192 11.51 16.09 25.54
C ALA B 192 12.35 17.26 26.05
N GLU B 193 13.14 17.05 27.11
CA GLU B 193 14.02 18.12 27.58
C GLU B 193 15.10 18.44 26.56
N TYR B 194 15.58 17.43 25.84
CA TYR B 194 16.57 17.68 24.79
C TYR B 194 15.96 18.45 23.63
N ALA B 195 14.74 18.08 23.23
CA ALA B 195 14.06 18.79 22.15
C ALA B 195 13.69 20.21 22.52
N LYS B 196 13.53 20.50 23.82
CA LYS B 196 13.22 21.85 24.26
C LYS B 196 14.44 22.76 24.21
N LYS B 197 15.63 22.20 24.43
CA LYS B 197 16.85 23.00 24.38
C LYS B 197 17.27 23.34 22.95
N HIS B 198 16.82 22.57 21.96
CA HIS B 198 17.15 22.80 20.57
C HIS B 198 16.03 23.50 19.80
N GLY B 199 14.96 23.90 20.48
CA GLY B 199 13.86 24.60 19.83
C GLY B 199 13.07 23.75 18.87
N TRP B 200 12.80 22.49 19.23
CA TRP B 200 12.03 21.59 18.38
C TRP B 200 10.54 21.66 18.73
N ASP B 201 9.98 22.88 18.58
CA ASP B 201 8.59 23.11 18.92
C ASP B 201 7.64 22.68 17.82
N THR B 202 8.13 22.44 16.61
CA THR B 202 7.33 21.93 15.52
C THR B 202 7.89 20.59 15.05
N PRO B 203 7.05 19.72 14.47
CA PRO B 203 7.57 18.44 13.98
C PRO B 203 8.64 18.60 12.91
N GLU B 204 8.48 19.58 12.01
CA GLU B 204 9.48 19.77 10.96
C GLU B 204 10.84 20.12 11.55
N LYS B 205 10.87 20.92 12.62
CA LYS B 205 12.13 21.22 13.27
C LYS B 205 12.75 19.99 13.92
N ALA B 206 11.91 19.09 14.44
CA ALA B 206 12.43 17.86 15.01
C ALA B 206 12.96 16.92 13.94
N ILE B 207 12.36 16.93 12.75
CA ILE B 207 12.82 16.08 11.66
C ILE B 207 14.19 16.52 11.17
N SER B 208 14.32 17.80 10.82
CA SER B 208 15.56 18.30 10.25
C SER B 208 16.68 18.34 11.29
N GLY B 209 16.37 18.83 12.50
CA GLY B 209 17.39 18.92 13.53
C GLY B 209 17.94 17.56 13.93
N GLY B 210 17.07 16.55 14.01
CA GLY B 210 17.54 15.21 14.31
C GLY B 210 18.33 14.60 13.17
N ALA B 211 17.87 14.78 11.94
CA ALA B 211 18.64 14.36 10.77
C ALA B 211 19.96 15.11 10.69
N ASP B 212 19.97 16.39 11.09
CA ASP B 212 21.22 17.12 11.19
C ASP B 212 22.10 16.55 12.30
N PHE B 213 21.49 16.15 13.41
CA PHE B 213 22.25 15.53 14.50
C PHE B 213 22.81 14.18 14.08
N ILE B 214 22.03 13.39 13.33
CA ILE B 214 22.49 12.09 12.89
C ILE B 214 23.67 12.21 11.94
N HIS B 215 23.69 13.23 11.10
CA HIS B 215 24.82 13.42 10.18
C HIS B 215 26.05 13.95 10.90
N LYS B 216 25.88 14.94 11.78
CA LYS B 216 27.02 15.58 12.42
C LYS B 216 27.62 14.75 13.55
N HIS B 217 26.88 13.78 14.10
CA HIS B 217 27.37 12.97 15.20
C HIS B 217 27.78 11.57 14.79
N PHE B 218 27.22 11.02 13.72
CA PHE B 218 27.50 9.66 13.31
C PHE B 218 27.97 9.51 11.86
N LEU B 219 27.88 10.56 11.05
CA LEU B 219 28.32 10.52 9.66
C LEU B 219 29.35 11.62 9.38
N SER B 220 30.16 11.96 10.38
CA SER B 220 31.11 13.06 10.22
C SER B 220 32.28 12.66 9.33
N SER B 221 32.94 11.56 9.66
CA SER B 221 34.13 11.14 8.93
C SER B 221 33.75 10.31 7.71
N THR B 222 34.40 10.61 6.58
CA THR B 222 34.19 9.82 5.38
C THR B 222 34.74 8.41 5.55
N ASP B 223 35.75 8.24 6.40
CA ASP B 223 36.33 6.93 6.65
C ASP B 223 35.38 6.00 7.41
N GLN B 224 34.30 6.53 8.00
CA GLN B 224 33.31 5.74 8.70
C GLN B 224 31.92 6.17 8.24
N ASN B 225 31.61 5.85 6.97
CA ASN B 225 30.29 6.11 6.41
C ASN B 225 29.39 4.88 6.53
N THR B 226 29.92 3.71 6.18
CA THR B 226 29.13 2.49 6.15
C THR B 226 29.04 1.87 7.55
N LEU B 227 28.16 0.89 7.69
CA LEU B 227 28.02 0.18 8.95
C LEU B 227 29.30 -0.57 9.30
N TYR B 228 29.97 -1.13 8.30
CA TYR B 228 31.19 -1.89 8.55
C TYR B 228 32.29 -0.98 9.08
N SER B 229 32.50 0.17 8.43
CA SER B 229 33.55 1.08 8.86
C SER B 229 33.22 1.76 10.18
N MET B 230 31.94 1.88 10.54
CA MET B 230 31.58 2.37 11.87
C MET B 230 31.93 1.36 12.94
N ARG B 231 31.83 0.06 12.64
CA ARG B 231 32.05 -0.97 13.63
C ARG B 231 33.52 -1.34 13.76
N TRP B 232 34.24 -1.44 12.64
CA TRP B 232 35.60 -1.95 12.65
C TRP B 232 36.65 -0.91 12.29
N ASN B 233 36.25 0.23 11.71
CA ASN B 233 37.13 1.33 11.33
C ASN B 233 38.37 0.81 10.62
N PRO B 234 38.24 0.32 9.40
CA PRO B 234 39.40 -0.30 8.72
C PRO B 234 40.55 0.65 8.46
N LYS B 235 40.31 1.97 8.45
CA LYS B 235 41.39 2.93 8.30
C LYS B 235 42.11 3.24 9.60
N ASN B 236 41.59 2.75 10.73
CA ASN B 236 42.20 2.94 12.05
C ASN B 236 41.64 1.86 12.96
N PRO B 237 42.06 0.61 12.79
CA PRO B 237 41.35 -0.52 13.41
C PRO B 237 41.34 -0.45 14.94
N GLY B 238 40.17 -0.67 15.51
CA GLY B 238 40.03 -0.80 16.95
C GLY B 238 39.80 0.48 17.72
N GLU B 239 39.73 1.62 17.05
CA GLU B 239 39.76 2.90 17.77
C GLU B 239 38.39 3.55 17.87
N HIS B 240 38.01 4.30 16.83
CA HIS B 240 36.78 5.11 16.86
C HIS B 240 35.59 4.27 16.38
N GLN B 241 35.32 3.21 17.12
CA GLN B 241 34.32 2.22 16.73
C GLN B 241 33.02 2.44 17.50
N TYR B 242 31.90 2.31 16.78
CA TYR B 242 30.60 2.75 17.28
C TYR B 242 29.91 1.72 18.18
N ALA B 243 30.45 0.51 18.30
CA ALA B 243 29.78 -0.49 19.12
C ALA B 243 30.80 -1.53 19.57
N THR B 244 30.44 -2.24 20.63
CA THR B 244 31.25 -3.33 21.18
C THR B 244 30.79 -4.70 20.72
N ASP B 245 29.49 -4.88 20.49
CA ASP B 245 28.98 -6.14 19.96
C ASP B 245 29.54 -6.40 18.57
N ILE B 246 30.05 -7.62 18.37
CA ILE B 246 30.66 -7.94 17.07
C ILE B 246 29.61 -8.21 16.00
N LYS B 247 28.38 -8.53 16.38
CA LYS B 247 27.29 -8.70 15.43
C LYS B 247 26.54 -7.41 15.16
N TRP B 248 27.07 -6.27 15.62
CA TRP B 248 26.37 -5.00 15.50
C TRP B 248 26.22 -4.59 14.05
N ALA B 249 27.28 -4.69 13.27
CA ALA B 249 27.21 -4.33 11.85
C ALA B 249 26.28 -5.26 11.08
N GLU B 250 26.21 -6.53 11.49
CA GLU B 250 25.36 -7.48 10.79
C GLU B 250 23.90 -7.33 11.19
N SER B 251 23.64 -6.99 12.45
CA SER B 251 22.26 -6.83 12.91
C SER B 251 21.59 -5.62 12.28
N ASN B 252 22.33 -4.51 12.14
CA ASN B 252 21.77 -3.32 11.52
C ASN B 252 21.59 -3.49 10.02
N ALA B 253 22.50 -4.24 9.38
CA ALA B 253 22.40 -4.43 7.93
C ALA B 253 21.16 -5.24 7.58
N THR B 254 20.80 -6.21 8.41
CA THR B 254 19.58 -6.98 8.17
C THR B 254 18.35 -6.08 8.27
N ILE B 255 18.35 -5.15 9.23
CA ILE B 255 17.26 -4.18 9.33
C ILE B 255 17.20 -3.33 8.07
N ILE B 256 18.36 -2.88 7.58
CA ILE B 256 18.40 -2.07 6.38
C ILE B 256 17.98 -2.87 5.16
N ALA B 257 18.54 -4.08 5.01
CA ALA B 257 18.25 -4.89 3.83
C ALA B 257 16.78 -5.28 3.76
N ASP B 258 16.18 -5.62 4.91
CA ASP B 258 14.77 -5.98 4.93
C ASP B 258 13.88 -4.79 4.62
N PHE B 259 14.29 -3.58 5.04
CA PHE B 259 13.54 -2.39 4.66
C PHE B 259 13.55 -2.20 3.15
N TYR B 260 14.70 -2.42 2.52
CA TYR B 260 14.78 -2.31 1.07
C TYR B 260 13.94 -3.37 0.37
N LYS B 261 13.92 -4.59 0.93
CA LYS B 261 13.18 -5.68 0.30
C LYS B 261 11.68 -5.45 0.35
N ASN B 262 11.18 -4.90 1.45
CA ASN B 262 9.76 -4.58 1.56
C ASN B 262 9.34 -3.45 0.62
N MET B 263 10.29 -2.74 0.02
CA MET B 263 9.99 -1.72 -0.98
C MET B 263 10.23 -2.18 -2.40
N LYS B 264 10.72 -3.41 -2.59
CA LYS B 264 11.00 -3.97 -3.91
C LYS B 264 12.00 -3.11 -4.67
N THR B 265 13.11 -2.77 -3.99
CA THR B 265 14.20 -2.04 -4.61
C THR B 265 15.49 -2.42 -3.86
N GLU B 266 16.57 -1.71 -4.17
CA GLU B 266 17.86 -2.01 -3.57
C GLU B 266 18.67 -0.74 -3.41
N GLY B 267 19.75 -0.83 -2.63
CA GLY B 267 20.60 0.32 -2.42
C GLY B 267 21.46 0.63 -3.63
N LYS B 268 22.01 1.85 -3.63
CA LYS B 268 22.80 2.34 -4.74
C LYS B 268 24.23 2.64 -4.36
N TYR B 269 24.46 3.53 -3.39
CA TYR B 269 25.79 4.00 -3.05
C TYR B 269 26.43 3.06 -2.04
N PHE B 270 27.51 2.39 -2.45
CA PHE B 270 28.25 1.48 -1.59
C PHE B 270 29.71 1.90 -1.52
N LYS B 271 30.33 1.67 -0.37
CA LYS B 271 31.75 1.96 -0.16
C LYS B 271 32.38 0.76 0.53
N TYR B 272 33.24 0.05 -0.19
CA TYR B 272 33.88 -1.15 0.32
C TYR B 272 35.38 -0.89 0.51
N PHE B 273 35.90 -1.26 1.68
CA PHE B 273 37.31 -1.09 1.99
C PHE B 273 38.05 -2.40 1.79
N VAL B 274 39.15 -2.35 1.05
CA VAL B 274 39.91 -3.54 0.67
C VAL B 274 41.18 -3.58 1.51
N TYR B 275 41.38 -4.68 2.23
CA TYR B 275 42.58 -4.84 3.02
C TYR B 275 43.80 -5.01 2.12
N LYS B 276 44.99 -4.93 2.74
CA LYS B 276 46.23 -4.92 1.97
C LYS B 276 46.48 -6.24 1.26
N ASP B 277 46.11 -7.36 1.87
CA ASP B 277 46.38 -8.65 1.25
C ASP B 277 45.52 -8.88 0.01
N ASP B 278 44.32 -8.30 -0.04
CA ASP B 278 43.47 -8.43 -1.21
C ASP B 278 43.81 -7.44 -2.31
N SER B 279 44.48 -6.35 -1.98
CA SER B 279 44.73 -5.27 -2.93
C SER B 279 45.85 -5.58 -3.92
N LYS B 280 46.48 -6.75 -3.83
CA LYS B 280 47.56 -7.08 -4.77
C LYS B 280 46.99 -7.63 -6.07
N HIS B 281 46.14 -8.65 -5.98
CA HIS B 281 45.57 -9.28 -7.17
C HIS B 281 44.41 -8.50 -7.75
N LEU B 282 44.02 -7.38 -7.15
CA LEU B 282 42.89 -6.60 -7.67
C LEU B 282 43.32 -5.68 -8.81
N ASN B 283 44.33 -4.84 -8.56
CA ASN B 283 44.73 -3.86 -9.56
C ASN B 283 45.26 -4.52 -10.83
N LYS B 284 45.82 -5.71 -10.72
CA LYS B 284 46.29 -6.43 -11.91
C LYS B 284 45.13 -7.00 -12.71
N LYS B 285 44.04 -7.38 -12.04
CA LYS B 285 42.90 -7.95 -12.75
C LYS B 285 42.11 -6.88 -13.50
N LEU B 286 42.00 -5.68 -12.92
CA LEU B 286 41.31 -4.60 -13.61
C LEU B 286 42.00 -4.23 -14.91
N ALA B 287 43.32 -3.99 -14.85
CA ALA B 287 44.07 -3.68 -16.06
C ALA B 287 44.01 -4.81 -17.07
N ALA B 288 43.92 -6.05 -16.60
CA ALA B 288 43.83 -7.19 -17.52
C ALA B 288 42.47 -7.27 -18.18
N ALA B 289 41.40 -7.07 -17.41
CA ALA B 289 40.04 -7.19 -17.93
C ALA B 289 39.58 -5.96 -18.70
N LEU B 290 40.35 -4.88 -18.70
CA LEU B 290 40.00 -3.67 -19.42
C LEU B 290 40.83 -3.44 -20.67
N GLU B 291 42.14 -3.65 -20.61
CA GLU B 291 42.99 -3.54 -21.78
C GLU B 291 43.08 -4.89 -22.47
N HIS B 292 43.03 -4.88 -23.81
CA HIS B 292 43.03 -6.10 -24.59
C HIS B 292 44.02 -6.07 -25.75
N HIS B 293 44.88 -5.05 -25.81
CA HIS B 293 45.91 -4.93 -26.84
C HIS B 293 45.32 -4.97 -28.25
N LYS C 3 35.10 3.91 -8.67
CA LYS C 3 36.09 4.80 -8.08
C LYS C 3 36.98 3.99 -7.15
N ASP C 4 38.28 4.13 -7.32
CA ASP C 4 39.23 3.43 -6.49
C ASP C 4 40.14 4.45 -5.85
N ASP C 5 40.20 4.46 -4.52
CA ASP C 5 41.15 5.33 -3.84
C ASP C 5 42.18 4.46 -3.13
N ASP C 6 42.82 5.05 -2.13
CA ASP C 6 43.68 4.34 -1.20
C ASP C 6 43.42 4.89 0.19
N ASP C 7 43.88 4.15 1.18
CA ASP C 7 43.70 4.53 2.58
C ASP C 7 44.32 5.89 2.89
CAC FLC D . -14.00 3.99 1.41
CA FLC D . -14.11 2.49 1.73
CB FLC D . -13.75 1.60 0.53
CBC FLC D . -12.42 2.12 -0.12
CG FLC D . -13.51 0.17 1.05
CGC FLC D . -13.17 -0.84 -0.04
OA1 FLC D . -13.58 4.82 2.23
OA2 FLC D . -14.39 4.35 0.24
OB1 FLC D . -11.45 2.49 0.53
OB2 FLC D . -12.48 2.12 -1.40
OG1 FLC D . -12.37 -0.59 -0.96
OG2 FLC D . -13.75 -1.97 0.04
OHB FLC D . -14.78 1.59 -0.42
O1 PG4 E . -15.97 -2.74 2.27
C1 PG4 E . -16.80 -2.13 3.18
C2 PG4 E . -16.14 -0.86 3.66
O2 PG4 E . -17.03 -0.14 4.46
C3 PG4 E . -18.01 0.45 3.65
C4 PG4 E . -17.40 1.49 2.74
O3 PG4 E . -18.39 2.05 1.94
C5 PG4 E . -17.83 2.41 0.70
C6 PG4 E . -18.10 1.35 -0.33
O4 PG4 E . -16.96 0.55 -0.50
C7 PG4 E . -17.15 -0.28 -1.61
C8 PG4 E . -16.75 -1.69 -1.24
O5 PG4 E . -16.09 -2.26 -2.31
C24 OLC F . -51.14 -10.19 -7.84
C7 OLC F . -48.98 -8.54 -0.46
C6 OLC F . -49.58 -7.17 -0.13
C5 OLC F . -50.65 -6.81 -1.15
C4 OLC F . -50.01 -6.26 -2.42
C3 OLC F . -50.15 -7.28 -3.51
C2 OLC F . -51.60 -7.52 -3.86
C21 OLC F . -51.78 -9.57 -5.52
C1 OLC F . -51.72 -7.22 -5.31
C22 OLC F . -52.07 -10.56 -6.67
O19 OLC F . -51.82 -6.10 -5.80
O25 OLC F . -51.28 -11.26 -8.71
O23 OLC F . -51.86 -11.86 -6.26
O20 OLC F . -51.70 -8.30 -6.15
S SO4 G . -55.42 -4.64 -10.98
O1 SO4 G . -54.02 -4.64 -10.58
O2 SO4 G . -56.21 -5.23 -9.90
O3 SO4 G . -55.88 -3.28 -11.23
O4 SO4 G . -55.58 -5.44 -12.19
S SO4 H . 18.98 3.55 -12.24
O1 SO4 H . 19.59 4.45 -13.21
O2 SO4 H . 19.82 3.47 -11.05
O3 SO4 H . 17.65 4.03 -11.87
O4 SO4 H . 18.85 2.21 -12.82
S SO4 I . 2.39 6.18 15.20
O1 SO4 I . 3.65 6.38 14.51
O2 SO4 I . 2.62 6.14 16.63
O3 SO4 I . 1.48 7.28 14.88
O4 SO4 I . 1.77 4.92 14.77
C1 AE3 J . 32.34 -5.21 -5.61
C2 AE3 J . 32.38 -5.24 -4.09
O2 AE3 J . 31.69 -4.12 -3.58
C3 AE3 J . 30.74 -4.58 -2.64
C4 AE3 J . 29.47 -3.75 -2.71
O3 AE3 J . 28.35 -4.57 -2.42
C5 AE3 J . 27.36 -4.32 -3.42
C6 AE3 J . 27.79 -4.99 -4.73
O4 AE3 J . 28.04 -6.34 -4.47
C1 AE3 K . 25.31 4.85 18.64
C2 AE3 K . 25.71 4.39 17.24
O2 AE3 K . 24.79 4.92 16.30
C3 AE3 K . 24.80 4.11 15.16
C4 AE3 K . 23.67 4.49 14.21
O3 AE3 K . 23.56 3.52 13.18
C5 AE3 K . 22.61 2.54 13.62
C6 AE3 K . 21.25 3.21 13.82
O4 AE3 K . 20.30 2.23 14.09
#